data_3PAN
#
_entry.id   3PAN
#
_cell.length_a   44.698
_cell.length_b   74.146
_cell.length_c   178.007
_cell.angle_alpha   90.00
_cell.angle_beta   90.00
_cell.angle_gamma   90.00
#
_symmetry.space_group_name_H-M   'P 21 21 21'
#
loop_
_entity.id
_entity.type
_entity.pdbx_description
1 polymer 'Adenosine deaminase'
2 non-polymer 'ZINC ION'
3 non-polymer HYPOXANTHINE
4 water water
#
_entity_poly.entity_id   1
_entity_poly.type   'polypeptide(L)'
_entity_poly.pdbx_seq_one_letter_code
;(MSE)SLYEWLNALPKAELHLHLEGTLEPELLFALAERNRIALPWNDVETLRKAYAFNNLQEFLDLYYAGADVLRTEQDF
YDLTWAYLQKCKAQNVVHVEPFFDPQTHTDRGIPFEVVLAGIRAALRDGEKLLGIRHGLILSFLRHLSEEQAQKTLDQAL
PFRDAFIAVGLDSSEVGHPPSKFQRVFDRARSEGFLTVAHAGEEGPPEYIWEALDLLKVERIDHGVRAFEDERL(MSE)R
RLIDEQIPLTVCPLSNTKLCVFDD(MSE)SQHTILD(MSE)LERGVKVTVNSDDPAYFGGYVTENFHALQQSLG(MSE)T
EEQARRLAQNSLDARLVKEGHHHHHH
;
_entity_poly.pdbx_strand_id   A,B
#
# COMPACT_ATOMS: atom_id res chain seq x y z
N TYR A 4 8.33 -36.11 -8.01
CA TYR A 4 8.37 -35.07 -6.98
C TYR A 4 9.28 -33.92 -7.39
N GLU A 5 10.55 -34.21 -7.68
CA GLU A 5 11.50 -33.20 -8.08
C GLU A 5 11.02 -32.46 -9.32
N TRP A 6 10.46 -33.21 -10.26
CA TRP A 6 9.87 -32.59 -11.44
C TRP A 6 8.71 -31.68 -11.02
N LEU A 7 7.84 -32.20 -10.16
CA LEU A 7 6.72 -31.42 -9.65
C LEU A 7 7.22 -30.18 -8.92
N ASN A 8 8.30 -30.34 -8.16
CA ASN A 8 8.85 -29.27 -7.38
C ASN A 8 9.49 -28.19 -8.25
N ALA A 9 9.88 -28.58 -9.46
CA ALA A 9 10.56 -27.66 -10.37
C ALA A 9 9.58 -26.74 -11.09
N LEU A 10 8.32 -27.17 -11.20
CA LEU A 10 7.32 -26.33 -11.83
C LEU A 10 7.23 -24.96 -11.16
N PRO A 11 7.10 -23.91 -11.96
CA PRO A 11 6.78 -22.59 -11.42
C PRO A 11 5.33 -22.58 -10.95
N LYS A 12 5.08 -22.14 -9.72
CA LYS A 12 3.73 -22.11 -9.19
C LYS A 12 3.38 -20.78 -8.53
N ALA A 13 2.09 -20.59 -8.30
CA ALA A 13 1.60 -19.49 -7.47
C ALA A 13 0.75 -20.10 -6.38
N GLU A 14 0.96 -19.69 -5.14
CA GLU A 14 0.08 -20.13 -4.07
C GLU A 14 -0.92 -19.05 -3.70
N LEU A 15 -2.20 -19.37 -3.88
CA LEU A 15 -3.27 -18.38 -3.71
C LEU A 15 -4.18 -18.72 -2.53
N HIS A 16 -3.92 -19.85 -1.89
CA HIS A 16 -4.71 -20.26 -0.73
C HIS A 16 -3.77 -20.76 0.35
N LEU A 17 -3.35 -19.85 1.22
CA LEU A 17 -2.43 -20.20 2.29
C LEU A 17 -2.55 -19.26 3.48
N HIS A 18 -2.71 -19.83 4.67
CA HIS A 18 -2.78 -19.04 5.88
C HIS A 18 -1.39 -18.97 6.52
N LEU A 19 -0.84 -17.76 6.62
CA LEU A 19 0.48 -17.60 7.23
C LEU A 19 0.52 -18.24 8.61
N GLU A 20 -0.56 -18.11 9.37
CA GLU A 20 -0.62 -18.73 10.69
C GLU A 20 -0.59 -20.25 10.59
N GLY A 21 -0.97 -20.77 9.43
CA GLY A 21 -1.00 -22.20 9.20
C GLY A 21 0.32 -22.75 8.70
N THR A 22 1.34 -21.90 8.68
CA THR A 22 2.69 -22.34 8.31
C THR A 22 3.55 -22.47 9.57
N LEU A 23 2.90 -22.32 10.73
CA LEU A 23 3.62 -22.35 12.00
C LEU A 23 4.10 -23.76 12.34
N GLU A 24 5.32 -24.07 11.92
CA GLU A 24 5.89 -25.38 12.19
C GLU A 24 6.04 -25.58 13.69
N PRO A 25 5.81 -26.81 14.15
CA PRO A 25 5.95 -27.14 15.57
C PRO A 25 7.27 -26.61 16.13
N GLU A 26 8.35 -26.84 15.41
CA GLU A 26 9.66 -26.38 15.86
C GLU A 26 9.65 -24.87 16.09
N LEU A 27 9.16 -24.11 15.12
CA LEU A 27 9.12 -22.66 15.25
C LEU A 27 8.30 -22.25 16.48
N LEU A 28 7.14 -22.89 16.63
CA LEU A 28 6.26 -22.59 17.75
C LEU A 28 7.03 -22.68 19.08
N PHE A 29 7.80 -23.75 19.25
CA PHE A 29 8.58 -23.94 20.47
C PHE A 29 9.68 -22.89 20.64
N ALA A 30 10.33 -22.53 19.53
CA ALA A 30 11.41 -21.56 19.56
C ALA A 30 10.88 -20.18 19.93
N LEU A 31 9.73 -19.83 19.36
CA LEU A 31 9.09 -18.55 19.64
C LEU A 31 8.57 -18.51 21.07
N ALA A 32 8.06 -19.63 21.54
CA ALA A 32 7.63 -19.74 22.93
C ALA A 32 8.80 -19.54 23.88
N GLU A 33 9.96 -20.08 23.50
CA GLU A 33 11.17 -19.91 24.29
C GLU A 33 11.57 -18.43 24.33
N ARG A 34 11.61 -17.81 23.16
CA ARG A 34 12.01 -16.40 23.04
C ARG A 34 11.06 -15.47 23.79
N ASN A 35 9.79 -15.85 23.86
CA ASN A 35 8.79 -15.05 24.55
C ASN A 35 8.56 -15.50 26.00
N ARG A 36 9.32 -16.49 26.44
CA ARG A 36 9.22 -17.00 27.80
C ARG A 36 7.81 -17.51 28.12
N ILE A 37 7.23 -18.26 27.19
CA ILE A 37 5.88 -18.78 27.32
C ILE A 37 5.87 -20.26 27.69
N ALA A 38 5.12 -20.62 28.72
CA ALA A 38 4.99 -22.03 29.09
C ALA A 38 3.93 -22.70 28.23
N LEU A 39 4.35 -23.68 27.44
CA LEU A 39 3.45 -24.36 26.53
C LEU A 39 2.73 -25.52 27.22
N PRO A 40 1.48 -25.77 26.82
CA PRO A 40 0.72 -26.92 27.34
C PRO A 40 1.41 -28.20 26.90
N TRP A 41 1.94 -28.18 25.68
CA TRP A 41 2.59 -29.35 25.10
C TRP A 41 3.98 -29.58 25.67
N ASN A 42 4.27 -30.84 25.94
CA ASN A 42 5.52 -31.23 26.59
C ASN A 42 6.73 -31.10 25.68
N ASP A 43 6.54 -31.46 24.40
CA ASP A 43 7.62 -31.37 23.43
C ASP A 43 7.10 -31.28 22.00
N VAL A 44 8.00 -31.03 21.06
CA VAL A 44 7.65 -30.90 19.66
C VAL A 44 6.83 -32.10 19.21
N GLU A 45 7.29 -33.29 19.60
CA GLU A 45 6.63 -34.53 19.22
C GLU A 45 5.19 -34.59 19.73
N THR A 46 4.97 -34.11 20.95
CA THR A 46 3.63 -34.14 21.54
C THR A 46 2.68 -33.20 20.81
N LEU A 47 3.17 -32.01 20.44
CA LEU A 47 2.37 -31.11 19.64
C LEU A 47 2.12 -31.70 18.25
N ARG A 48 3.14 -32.33 17.69
CA ARG A 48 3.05 -32.88 16.34
C ARG A 48 2.03 -34.01 16.22
N LYS A 49 1.83 -34.76 17.30
CA LYS A 49 0.83 -35.84 17.26
C LYS A 49 -0.57 -35.34 17.62
N ALA A 50 -0.65 -34.12 18.14
CA ALA A 50 -1.94 -33.48 18.37
C ALA A 50 -2.58 -33.08 17.04
N TYR A 51 -1.85 -33.30 15.95
CA TYR A 51 -2.32 -32.93 14.62
C TYR A 51 -3.18 -34.02 13.99
N ALA A 52 -4.22 -34.44 14.72
CA ALA A 52 -5.18 -35.42 14.22
C ALA A 52 -6.57 -34.81 14.27
N PHE A 53 -7.21 -34.71 13.11
CA PHE A 53 -8.49 -33.99 13.03
C PHE A 53 -9.63 -34.84 12.48
N ASN A 54 -10.80 -34.69 13.07
CA ASN A 54 -12.01 -35.34 12.57
C ASN A 54 -12.79 -34.38 11.69
N ASN A 55 -12.54 -33.09 11.86
CA ASN A 55 -13.22 -32.06 11.08
C ASN A 55 -12.49 -30.72 11.12
N LEU A 56 -13.12 -29.71 10.53
CA LEU A 56 -12.55 -28.37 10.47
C LEU A 56 -12.35 -27.76 11.86
N GLN A 57 -13.37 -27.86 12.71
CA GLN A 57 -13.35 -27.21 14.01
C GLN A 57 -12.20 -27.68 14.89
N GLU A 58 -12.03 -29.00 14.97
CA GLU A 58 -10.95 -29.55 15.79
C GLU A 58 -9.60 -28.96 15.39
N PHE A 59 -9.43 -28.73 14.09
CA PHE A 59 -8.21 -28.11 13.59
C PHE A 59 -8.12 -26.66 14.01
N LEU A 60 -9.23 -25.94 13.86
CA LEU A 60 -9.27 -24.52 14.21
C LEU A 60 -8.90 -24.29 15.67
N ASP A 61 -9.42 -25.13 16.56
CA ASP A 61 -9.17 -24.96 17.98
C ASP A 61 -7.68 -24.96 18.27
N LEU A 62 -6.96 -25.86 17.62
CA LEU A 62 -5.52 -25.98 17.79
C LEU A 62 -4.82 -24.84 17.05
N TYR A 63 -5.24 -24.64 15.82
CA TYR A 63 -4.78 -23.56 14.96
C TYR A 63 -4.70 -22.22 15.70
N TYR A 64 -5.80 -21.86 16.37
CA TYR A 64 -5.83 -20.61 17.12
C TYR A 64 -4.98 -20.68 18.39
N ALA A 65 -4.91 -21.86 18.99
CA ALA A 65 -4.11 -22.05 20.19
C ALA A 65 -2.64 -21.72 19.93
N GLY A 66 -2.11 -22.22 18.81
CA GLY A 66 -0.73 -21.98 18.45
C GLY A 66 -0.41 -20.52 18.24
N ALA A 67 -1.43 -19.73 17.93
CA ALA A 67 -1.22 -18.31 17.60
C ALA A 67 -0.82 -17.47 18.82
N ASP A 68 -0.78 -18.11 19.99
CA ASP A 68 -0.40 -17.44 21.22
C ASP A 68 1.07 -17.00 21.20
N VAL A 69 1.91 -17.78 20.54
CA VAL A 69 3.34 -17.50 20.53
C VAL A 69 3.69 -16.31 19.62
N LEU A 70 2.74 -15.90 18.80
CA LEU A 70 2.96 -14.78 17.89
C LEU A 70 2.72 -13.47 18.63
N ARG A 71 3.80 -12.78 19.00
CA ARG A 71 3.68 -11.65 19.92
C ARG A 71 4.41 -10.38 19.52
N THR A 72 5.51 -10.52 18.78
CA THR A 72 6.27 -9.34 18.39
C THR A 72 6.38 -9.26 16.88
N GLU A 73 6.85 -8.11 16.40
CA GLU A 73 7.11 -7.94 14.98
C GLU A 73 8.07 -9.02 14.49
N GLN A 74 9.15 -9.26 15.22
CA GLN A 74 10.12 -10.27 14.81
C GLN A 74 9.48 -11.65 14.73
N ASP A 75 8.47 -11.88 15.57
CA ASP A 75 7.73 -13.12 15.53
C ASP A 75 7.05 -13.27 14.18
N PHE A 76 6.29 -12.25 13.79
CA PHE A 76 5.54 -12.29 12.55
C PHE A 76 6.46 -12.29 11.34
N TYR A 77 7.64 -11.69 11.48
CA TYR A 77 8.63 -11.76 10.40
C TYR A 77 9.13 -13.18 10.24
N ASP A 78 9.55 -13.77 11.35
CA ASP A 78 10.08 -15.13 11.32
C ASP A 78 9.07 -16.08 10.68
N LEU A 79 7.82 -15.98 11.12
CA LEU A 79 6.75 -16.80 10.57
C LEU A 79 6.70 -16.68 9.06
N THR A 80 6.62 -15.44 8.57
CA THR A 80 6.43 -15.18 7.15
C THR A 80 7.67 -15.53 6.34
N TRP A 81 8.83 -15.19 6.88
CA TRP A 81 10.10 -15.42 6.19
C TRP A 81 10.37 -16.91 6.02
N ALA A 82 10.05 -17.70 7.05
CA ALA A 82 10.22 -19.14 6.98
C ALA A 82 9.41 -19.72 5.82
N TYR A 83 8.19 -19.23 5.67
CA TYR A 83 7.32 -19.69 4.59
C TYR A 83 7.87 -19.27 3.22
N LEU A 84 8.29 -18.02 3.11
CA LEU A 84 8.83 -17.54 1.86
C LEU A 84 10.01 -18.40 1.42
N GLN A 85 10.82 -18.84 2.37
CA GLN A 85 11.95 -19.70 2.06
C GLN A 85 11.51 -21.06 1.52
N LYS A 86 10.44 -21.59 2.08
CA LYS A 86 9.84 -22.80 1.53
C LYS A 86 9.37 -22.54 0.09
N CYS A 87 8.84 -21.35 -0.15
CA CYS A 87 8.37 -21.01 -1.48
C CYS A 87 9.53 -21.05 -2.48
N LYS A 88 10.66 -20.48 -2.10
CA LYS A 88 11.85 -20.48 -2.92
C LYS A 88 12.30 -21.92 -3.20
N ALA A 89 12.27 -22.75 -2.16
CA ALA A 89 12.66 -24.15 -2.30
C ALA A 89 11.76 -24.89 -3.30
N GLN A 90 10.48 -24.53 -3.32
CA GLN A 90 9.52 -25.26 -4.14
C GLN A 90 9.09 -24.45 -5.37
N ASN A 91 9.88 -23.45 -5.69
CA ASN A 91 9.67 -22.62 -6.87
C ASN A 91 8.29 -21.99 -7.00
N VAL A 92 7.67 -21.71 -5.86
CA VAL A 92 6.53 -20.83 -5.82
C VAL A 92 7.04 -19.42 -6.07
N VAL A 93 6.66 -18.83 -7.20
CA VAL A 93 7.20 -17.53 -7.59
C VAL A 93 6.28 -16.37 -7.22
N HIS A 94 5.08 -16.71 -6.74
CA HIS A 94 4.07 -15.70 -6.45
C HIS A 94 3.16 -16.17 -5.31
N VAL A 95 2.92 -15.28 -4.36
CA VAL A 95 2.07 -15.63 -3.22
C VAL A 95 0.99 -14.58 -2.96
N GLU A 96 -0.21 -15.06 -2.64
CA GLU A 96 -1.29 -14.21 -2.19
C GLU A 96 -1.89 -14.84 -0.95
N PRO A 97 -1.20 -14.66 0.19
CA PRO A 97 -1.43 -15.33 1.48
C PRO A 97 -2.54 -14.70 2.30
N PHE A 98 -3.14 -15.49 3.19
CA PHE A 98 -4.09 -14.98 4.17
C PHE A 98 -3.39 -14.67 5.48
N PHE A 99 -3.99 -13.79 6.27
CA PHE A 99 -3.68 -13.71 7.70
C PHE A 99 -4.94 -13.31 8.45
N ASP A 100 -5.00 -13.63 9.74
CA ASP A 100 -6.19 -13.40 10.56
C ASP A 100 -5.95 -12.36 11.65
N PRO A 101 -5.91 -11.08 11.27
CA PRO A 101 -5.57 -10.00 12.21
C PRO A 101 -6.33 -10.09 13.54
N GLN A 102 -7.59 -10.51 13.49
CA GLN A 102 -8.40 -10.58 14.71
C GLN A 102 -7.82 -11.57 15.72
N THR A 103 -7.30 -12.69 15.22
CA THR A 103 -6.67 -13.68 16.08
C THR A 103 -5.61 -13.04 16.96
N HIS A 104 -4.97 -12.01 16.44
CA HIS A 104 -3.88 -11.37 17.15
C HIS A 104 -4.30 -10.10 17.88
N THR A 105 -5.05 -9.25 17.19
CA THR A 105 -5.52 -8.00 17.80
C THR A 105 -6.36 -8.27 19.04
N ASP A 106 -7.19 -9.31 18.98
CA ASP A 106 -8.00 -9.69 20.14
C ASP A 106 -7.15 -10.21 21.30
N ARG A 107 -5.87 -10.48 21.02
CA ARG A 107 -4.94 -10.95 22.04
C ARG A 107 -4.10 -9.80 22.58
N GLY A 108 -4.33 -8.59 22.06
CA GLY A 108 -3.63 -7.42 22.55
C GLY A 108 -2.54 -6.92 21.61
N ILE A 109 -2.11 -7.78 20.68
CA ILE A 109 -1.06 -7.39 19.75
C ILE A 109 -1.55 -6.30 18.80
N PRO A 110 -0.81 -5.18 18.74
CA PRO A 110 -1.17 -4.05 17.87
C PRO A 110 -1.23 -4.46 16.39
N PHE A 111 -2.23 -3.93 15.69
CA PHE A 111 -2.41 -4.20 14.27
C PHE A 111 -1.14 -3.86 13.51
N GLU A 112 -0.59 -2.70 13.80
CA GLU A 112 0.60 -2.20 13.12
C GLU A 112 1.78 -3.17 13.26
N VAL A 113 1.88 -3.80 14.44
CA VAL A 113 2.96 -4.76 14.70
C VAL A 113 2.85 -6.00 13.81
N VAL A 114 1.65 -6.55 13.71
CA VAL A 114 1.40 -7.71 12.85
C VAL A 114 1.80 -7.43 11.40
N LEU A 115 1.29 -6.33 10.86
CA LEU A 115 1.55 -5.95 9.48
C LEU A 115 3.04 -5.68 9.24
N ALA A 116 3.66 -4.93 10.16
CA ALA A 116 5.08 -4.61 10.04
C ALA A 116 5.92 -5.87 9.80
N GLY A 117 5.74 -6.87 10.65
CA GLY A 117 6.51 -8.10 10.56
C GLY A 117 6.29 -8.82 9.25
N ILE A 118 5.03 -9.02 8.89
CA ILE A 118 4.67 -9.67 7.62
C ILE A 118 5.19 -8.87 6.42
N ARG A 119 4.95 -7.57 6.43
CA ARG A 119 5.33 -6.71 5.31
C ARG A 119 6.84 -6.74 5.09
N ALA A 120 7.60 -6.64 6.18
CA ALA A 120 9.04 -6.71 6.10
C ALA A 120 9.49 -8.02 5.44
N ALA A 121 8.88 -9.13 5.85
CA ALA A 121 9.21 -10.42 5.27
C ALA A 121 8.85 -10.46 3.79
N LEU A 122 7.71 -9.91 3.43
CA LEU A 122 7.28 -9.87 2.04
C LEU A 122 8.26 -9.09 1.17
N ARG A 123 8.81 -8.01 1.74
CA ARG A 123 9.79 -7.19 1.04
C ARG A 123 11.04 -7.99 0.73
N ASP A 124 11.53 -8.73 1.72
CA ASP A 124 12.69 -9.59 1.52
C ASP A 124 12.36 -10.67 0.49
N GLY A 125 11.16 -11.21 0.57
CA GLY A 125 10.71 -12.22 -0.37
C GLY A 125 10.81 -11.78 -1.81
N GLU A 126 10.52 -10.51 -2.09
CA GLU A 126 10.56 -10.04 -3.46
C GLU A 126 11.95 -9.60 -3.92
N LYS A 127 12.65 -8.83 -3.10
CA LYS A 127 13.94 -8.30 -3.52
C LYS A 127 15.06 -9.34 -3.45
N LEU A 128 14.95 -10.29 -2.52
CA LEU A 128 15.97 -11.31 -2.36
C LEU A 128 15.59 -12.62 -3.06
N LEU A 129 14.33 -13.00 -2.94
CA LEU A 129 13.87 -14.28 -3.49
C LEU A 129 13.15 -14.12 -4.82
N GLY A 130 12.82 -12.90 -5.19
CA GLY A 130 12.14 -12.63 -6.45
C GLY A 130 10.70 -13.12 -6.45
N ILE A 131 10.07 -13.08 -5.29
CA ILE A 131 8.70 -13.56 -5.15
C ILE A 131 7.68 -12.42 -5.01
N ARG A 132 6.79 -12.33 -5.98
CA ARG A 132 5.73 -11.31 -5.96
C ARG A 132 4.68 -11.71 -4.94
N HIS A 133 4.11 -10.73 -4.25
CA HIS A 133 3.14 -11.00 -3.20
C HIS A 133 1.88 -10.16 -3.33
N GLY A 134 0.79 -10.66 -2.77
CA GLY A 134 -0.46 -9.92 -2.70
C GLY A 134 -1.17 -10.31 -1.42
N LEU A 135 -0.94 -9.54 -0.36
CA LEU A 135 -1.46 -9.86 0.97
C LEU A 135 -2.98 -9.80 1.02
N ILE A 136 -3.60 -10.83 1.63
CA ILE A 136 -5.05 -10.86 1.79
C ILE A 136 -5.48 -10.88 3.26
N LEU A 137 -6.24 -9.86 3.66
CA LEU A 137 -6.75 -9.77 5.03
C LEU A 137 -8.02 -10.59 5.16
N SER A 138 -8.01 -11.58 6.05
CA SER A 138 -9.17 -12.45 6.23
C SER A 138 -9.91 -12.18 7.53
N PHE A 139 -11.24 -12.15 7.45
CA PHE A 139 -12.07 -11.98 8.62
C PHE A 139 -12.40 -13.34 9.24
N LEU A 140 -12.56 -13.36 10.56
CA LEU A 140 -12.98 -14.57 11.25
C LEU A 140 -14.50 -14.67 11.24
N ARG A 141 -15.02 -15.67 10.53
CA ARG A 141 -16.45 -15.75 10.26
C ARG A 141 -17.30 -16.19 11.45
N HIS A 142 -16.67 -16.83 12.43
CA HIS A 142 -17.41 -17.24 13.62
C HIS A 142 -17.70 -16.03 14.51
N LEU A 143 -16.95 -14.95 14.31
CA LEU A 143 -17.16 -13.72 15.05
C LEU A 143 -18.19 -12.85 14.31
N SER A 144 -18.59 -11.74 14.93
CA SER A 144 -19.66 -10.92 14.37
C SER A 144 -19.19 -10.04 13.23
N GLU A 145 -20.13 -9.63 12.38
CA GLU A 145 -19.83 -8.71 11.29
C GLU A 145 -19.39 -7.37 11.86
N GLU A 146 -19.89 -7.04 13.04
CA GLU A 146 -19.49 -5.81 13.72
C GLU A 146 -18.01 -5.85 14.05
N GLN A 147 -17.54 -6.99 14.56
CA GLN A 147 -16.13 -7.17 14.87
C GLN A 147 -15.27 -7.07 13.61
N ALA A 148 -15.80 -7.56 12.49
CA ALA A 148 -15.14 -7.45 11.21
C ALA A 148 -15.10 -6.00 10.71
N GLN A 149 -16.17 -5.26 10.95
CA GLN A 149 -16.21 -3.85 10.59
C GLN A 149 -15.12 -3.09 11.34
N LYS A 150 -14.95 -3.39 12.62
CA LYS A 150 -13.91 -2.76 13.42
C LYS A 150 -12.51 -3.08 12.90
N THR A 151 -12.36 -4.29 12.36
CA THR A 151 -11.10 -4.69 11.75
C THR A 151 -10.85 -3.94 10.45
N LEU A 152 -11.88 -3.80 9.63
CA LEU A 152 -11.75 -3.06 8.38
C LEU A 152 -11.35 -1.60 8.65
N ASP A 153 -11.90 -1.01 9.70
CA ASP A 153 -11.54 0.35 10.10
C ASP A 153 -10.05 0.45 10.41
N GLN A 154 -9.52 -0.55 11.09
CA GLN A 154 -8.09 -0.60 11.38
C GLN A 154 -7.29 -0.63 10.09
N ALA A 155 -7.84 -1.35 9.10
CA ALA A 155 -7.13 -1.64 7.87
C ALA A 155 -7.09 -0.46 6.89
N LEU A 156 -8.06 0.44 6.99
CA LEU A 156 -8.20 1.51 5.99
C LEU A 156 -6.93 2.31 5.72
N PRO A 157 -6.28 2.82 6.78
CA PRO A 157 -5.03 3.56 6.54
C PRO A 157 -3.99 2.68 5.86
N PHE A 158 -4.09 1.37 6.10
CA PHE A 158 -3.15 0.40 5.56
C PHE A 158 -3.59 -0.17 4.22
N ARG A 159 -4.80 0.19 3.77
CA ARG A 159 -5.48 -0.52 2.69
C ARG A 159 -4.60 -0.95 1.52
N ASP A 160 -3.58 -0.15 1.21
CA ASP A 160 -2.71 -0.43 0.07
C ASP A 160 -1.81 -1.64 0.30
N ALA A 161 -1.84 -2.19 1.51
CA ALA A 161 -1.03 -3.36 1.83
C ALA A 161 -1.81 -4.64 1.56
N PHE A 162 -3.08 -4.49 1.24
CA PHE A 162 -3.94 -5.65 0.98
C PHE A 162 -4.59 -5.57 -0.38
N ILE A 163 -4.48 -6.65 -1.16
CA ILE A 163 -5.12 -6.71 -2.47
C ILE A 163 -6.57 -7.12 -2.35
N ALA A 164 -6.92 -7.75 -1.23
CA ALA A 164 -8.28 -8.24 -1.04
C ALA A 164 -8.59 -8.50 0.42
N VAL A 165 -9.86 -8.73 0.71
CA VAL A 165 -10.28 -9.25 2.01
C VAL A 165 -10.81 -10.66 1.79
N GLY A 166 -10.65 -11.51 2.79
CA GLY A 166 -11.09 -12.89 2.69
C GLY A 166 -11.99 -13.25 3.84
N LEU A 167 -12.41 -14.52 3.88
CA LEU A 167 -13.29 -15.00 4.94
C LEU A 167 -12.96 -16.46 5.28
N ASP A 168 -12.46 -16.68 6.48
CA ASP A 168 -12.15 -18.03 6.93
C ASP A 168 -12.74 -18.34 8.29
N SER A 169 -12.38 -19.50 8.83
CA SER A 169 -12.88 -20.01 10.10
C SER A 169 -14.13 -20.87 9.91
N SER A 170 -14.79 -21.19 11.02
CA SER A 170 -15.94 -22.09 11.03
C SER A 170 -16.98 -21.73 9.99
N GLU A 171 -17.05 -22.52 8.91
CA GLU A 171 -17.94 -22.20 7.80
C GLU A 171 -19.41 -22.49 8.11
N VAL A 172 -19.70 -23.71 8.51
CA VAL A 172 -21.08 -24.14 8.75
C VAL A 172 -21.77 -23.34 9.84
N GLY A 173 -22.82 -22.61 9.47
CA GLY A 173 -23.57 -21.82 10.42
C GLY A 173 -23.20 -20.35 10.39
N HIS A 174 -22.22 -20.02 9.55
CA HIS A 174 -21.80 -18.63 9.37
C HIS A 174 -21.68 -18.32 7.88
N PRO A 175 -22.82 -18.19 7.20
CA PRO A 175 -22.84 -18.03 5.74
C PRO A 175 -22.22 -16.71 5.32
N PRO A 176 -21.75 -16.63 4.07
CA PRO A 176 -21.18 -15.38 3.53
C PRO A 176 -22.09 -14.18 3.80
N SER A 177 -23.39 -14.35 3.65
CA SER A 177 -24.37 -13.27 3.81
C SER A 177 -24.22 -12.53 5.14
N LYS A 178 -23.75 -13.24 6.16
CA LYS A 178 -23.52 -12.65 7.47
C LYS A 178 -22.54 -11.49 7.40
N PHE A 179 -21.74 -11.45 6.33
CA PHE A 179 -20.69 -10.46 6.21
C PHE A 179 -20.84 -9.60 4.96
N GLN A 180 -22.04 -9.62 4.38
CA GLN A 180 -22.32 -8.87 3.16
C GLN A 180 -22.01 -7.37 3.29
N ARG A 181 -22.38 -6.78 4.43
CA ARG A 181 -22.17 -5.34 4.63
C ARG A 181 -20.70 -4.94 4.61
N VAL A 182 -19.89 -5.60 5.43
CA VAL A 182 -18.47 -5.28 5.52
C VAL A 182 -17.76 -5.53 4.20
N PHE A 183 -18.14 -6.59 3.49
CA PHE A 183 -17.58 -6.87 2.18
C PHE A 183 -17.99 -5.79 1.18
N ASP A 184 -19.23 -5.35 1.27
CA ASP A 184 -19.72 -4.23 0.47
C ASP A 184 -18.85 -3.01 0.71
N ARG A 185 -18.56 -2.74 1.98
CA ARG A 185 -17.78 -1.56 2.34
C ARG A 185 -16.33 -1.71 1.91
N ALA A 186 -15.84 -2.95 2.00
CA ALA A 186 -14.46 -3.25 1.62
C ALA A 186 -14.24 -2.93 0.14
N ARG A 187 -15.12 -3.45 -0.70
CA ARG A 187 -15.04 -3.18 -2.14
C ARG A 187 -15.13 -1.68 -2.42
N SER A 188 -16.09 -1.03 -1.76
CA SER A 188 -16.25 0.42 -1.87
C SER A 188 -14.95 1.15 -1.53
N GLU A 189 -14.19 0.59 -0.60
CA GLU A 189 -12.93 1.21 -0.17
C GLU A 189 -11.76 0.80 -1.07
N GLY A 190 -12.03 -0.06 -2.04
CA GLY A 190 -11.04 -0.41 -3.03
C GLY A 190 -10.43 -1.80 -2.87
N PHE A 191 -11.04 -2.63 -2.03
CA PHE A 191 -10.57 -4.00 -1.86
C PHE A 191 -11.24 -4.94 -2.85
N LEU A 192 -10.45 -5.86 -3.41
CA LEU A 192 -11.00 -7.01 -4.10
C LEU A 192 -11.46 -8.00 -3.03
N THR A 193 -12.24 -8.99 -3.41
CA THR A 193 -12.73 -9.95 -2.43
C THR A 193 -12.55 -11.41 -2.84
N VAL A 194 -12.35 -12.26 -1.84
CA VAL A 194 -12.32 -13.71 -2.01
C VAL A 194 -12.99 -14.29 -0.77
N ALA A 195 -13.20 -15.60 -0.74
CA ALA A 195 -13.84 -16.21 0.42
C ALA A 195 -13.76 -17.73 0.45
N HIS A 196 -13.74 -18.29 1.66
CA HIS A 196 -13.89 -19.73 1.85
C HIS A 196 -15.34 -20.09 1.64
N ALA A 197 -15.60 -21.06 0.77
CA ALA A 197 -16.96 -21.50 0.49
C ALA A 197 -16.99 -22.92 -0.06
N GLY A 198 -17.83 -23.77 0.54
CA GLY A 198 -17.99 -25.13 0.09
C GLY A 198 -16.86 -26.05 0.54
N GLU A 199 -16.23 -25.72 1.66
CA GLU A 199 -15.28 -26.63 2.28
C GLU A 199 -16.08 -27.65 3.06
N GLU A 200 -16.70 -27.19 4.15
CA GLU A 200 -17.65 -27.99 4.89
C GLU A 200 -19.06 -27.48 4.62
N GLY A 201 -19.16 -26.24 4.16
CA GLY A 201 -20.43 -25.62 3.89
C GLY A 201 -21.05 -26.09 2.59
N PRO A 202 -22.36 -25.89 2.43
CA PRO A 202 -23.09 -26.38 1.27
C PRO A 202 -22.90 -25.49 0.05
N PRO A 203 -23.22 -26.00 -1.14
CA PRO A 203 -23.16 -25.28 -2.42
C PRO A 203 -23.81 -23.90 -2.34
N GLU A 204 -24.86 -23.77 -1.54
CA GLU A 204 -25.54 -22.49 -1.37
C GLU A 204 -24.57 -21.41 -0.91
N TYR A 205 -23.74 -21.75 0.07
CA TYR A 205 -22.71 -20.84 0.58
C TYR A 205 -21.84 -20.32 -0.57
N ILE A 206 -21.58 -21.18 -1.54
CA ILE A 206 -20.75 -20.80 -2.69
C ILE A 206 -21.46 -19.79 -3.57
N TRP A 207 -22.76 -19.99 -3.79
CA TRP A 207 -23.57 -19.03 -4.54
C TRP A 207 -23.55 -17.68 -3.84
N GLU A 208 -23.72 -17.69 -2.52
CA GLU A 208 -23.70 -16.48 -1.72
C GLU A 208 -22.38 -15.73 -1.88
N ALA A 209 -21.27 -16.47 -1.84
CA ALA A 209 -19.96 -15.85 -2.03
C ALA A 209 -19.88 -15.18 -3.39
N LEU A 210 -20.34 -15.88 -4.42
CA LEU A 210 -20.28 -15.37 -5.78
C LEU A 210 -21.14 -14.13 -5.98
N ASP A 211 -22.34 -14.14 -5.42
CA ASP A 211 -23.33 -13.12 -5.73
C ASP A 211 -23.50 -12.04 -4.66
N LEU A 212 -23.24 -12.39 -3.41
CA LEU A 212 -23.36 -11.43 -2.31
C LEU A 212 -22.03 -10.74 -2.03
N LEU A 213 -21.00 -11.53 -1.77
CA LEU A 213 -19.67 -11.00 -1.48
C LEU A 213 -18.91 -10.70 -2.77
N LYS A 214 -19.44 -11.18 -3.88
CA LYS A 214 -18.87 -10.90 -5.21
C LYS A 214 -17.37 -11.18 -5.29
N VAL A 215 -16.97 -12.36 -4.80
CA VAL A 215 -15.56 -12.74 -4.77
C VAL A 215 -14.97 -12.88 -6.16
N GLU A 216 -13.64 -12.79 -6.25
CA GLU A 216 -12.93 -12.99 -7.51
C GLU A 216 -12.60 -14.46 -7.68
N ARG A 217 -12.50 -15.17 -6.56
CA ARG A 217 -12.26 -16.61 -6.60
C ARG A 217 -12.84 -17.30 -5.38
N ILE A 218 -13.17 -18.58 -5.53
CA ILE A 218 -13.69 -19.36 -4.42
C ILE A 218 -12.58 -20.17 -3.78
N ASP A 219 -12.46 -20.08 -2.46
CA ASP A 219 -11.47 -20.84 -1.71
C ASP A 219 -12.04 -22.20 -1.31
N HIS A 220 -11.32 -23.27 -1.67
CA HIS A 220 -11.81 -24.64 -1.54
C HIS A 220 -12.81 -24.94 -2.65
N GLY A 221 -14.09 -24.74 -2.34
CA GLY A 221 -15.17 -24.85 -3.32
C GLY A 221 -15.48 -26.24 -3.79
N VAL A 222 -14.95 -27.25 -3.10
CA VAL A 222 -15.08 -28.63 -3.56
C VAL A 222 -16.52 -29.15 -3.54
N ARG A 223 -17.33 -28.67 -2.60
CA ARG A 223 -18.71 -29.13 -2.51
C ARG A 223 -19.58 -28.60 -3.66
N ALA A 224 -18.98 -27.82 -4.54
CA ALA A 224 -19.68 -27.36 -5.73
C ALA A 224 -19.99 -28.56 -6.62
N PHE A 225 -19.27 -29.65 -6.37
CA PHE A 225 -19.42 -30.87 -7.16
C PHE A 225 -20.84 -31.45 -7.01
N GLU A 226 -21.54 -31.01 -5.97
CA GLU A 226 -22.88 -31.50 -5.70
C GLU A 226 -23.93 -30.72 -6.48
N ASP A 227 -23.50 -29.63 -7.13
CA ASP A 227 -24.43 -28.72 -7.78
C ASP A 227 -24.09 -28.52 -9.26
N GLU A 228 -24.76 -29.29 -10.12
CA GLU A 228 -24.50 -29.25 -11.56
C GLU A 228 -24.69 -27.88 -12.17
N ARG A 229 -25.72 -27.18 -11.73
CA ARG A 229 -25.99 -25.83 -12.20
C ARG A 229 -24.82 -24.91 -11.84
N LEU A 230 -24.31 -25.07 -10.62
CA LEU A 230 -23.17 -24.29 -10.16
C LEU A 230 -21.92 -24.64 -10.96
N ARG A 232 -21.71 -25.75 -13.99
CA ARG A 232 -21.80 -25.15 -15.31
C ARG A 232 -21.45 -23.67 -15.28
N ARG A 233 -21.81 -22.98 -14.21
CA ARG A 233 -21.43 -21.58 -14.04
C ARG A 233 -19.92 -21.44 -13.90
N LEU A 234 -19.33 -22.24 -13.01
CA LEU A 234 -17.89 -22.19 -12.78
C LEU A 234 -17.11 -22.35 -14.07
N ILE A 235 -17.43 -23.42 -14.79
CA ILE A 235 -16.78 -23.73 -16.06
C ILE A 235 -16.94 -22.58 -17.05
N ASP A 236 -18.14 -21.99 -17.05
CA ASP A 236 -18.46 -20.94 -18.00
C ASP A 236 -17.76 -19.63 -17.66
N GLU A 237 -17.76 -19.26 -16.39
CA GLU A 237 -17.21 -17.97 -15.98
C GLU A 237 -15.72 -18.05 -15.68
N GLN A 238 -15.17 -19.26 -15.72
CA GLN A 238 -13.76 -19.46 -15.43
C GLN A 238 -13.36 -18.81 -14.11
N ILE A 239 -14.23 -18.94 -13.12
CA ILE A 239 -13.94 -18.49 -11.77
C ILE A 239 -13.02 -19.48 -11.10
N PRO A 240 -11.85 -19.02 -10.63
CA PRO A 240 -10.84 -19.90 -10.04
C PRO A 240 -11.30 -20.55 -8.74
N LEU A 241 -10.83 -21.77 -8.49
CA LEU A 241 -11.04 -22.44 -7.22
C LEU A 241 -9.70 -22.81 -6.57
N THR A 242 -9.45 -22.26 -5.39
CA THR A 242 -8.21 -22.58 -4.67
C THR A 242 -8.39 -23.86 -3.86
N VAL A 243 -8.20 -25.00 -4.52
CA VAL A 243 -8.38 -26.30 -3.88
C VAL A 243 -7.16 -26.69 -3.04
N CYS A 244 -7.41 -27.31 -1.89
CA CYS A 244 -6.36 -27.76 -1.00
C CYS A 244 -6.50 -29.24 -0.71
N PRO A 245 -5.76 -30.09 -1.45
CA PRO A 245 -5.82 -31.54 -1.34
C PRO A 245 -5.57 -32.09 0.06
N LEU A 246 -4.37 -31.88 0.61
CA LEU A 246 -4.02 -32.44 1.92
C LEU A 246 -4.93 -31.93 3.04
N SER A 247 -5.34 -30.67 2.94
CA SER A 247 -6.27 -30.10 3.91
C SER A 247 -7.59 -30.86 3.90
N ASN A 248 -8.15 -31.08 2.72
CA ASN A 248 -9.40 -31.80 2.58
C ASN A 248 -9.32 -33.23 3.13
N THR A 249 -8.16 -33.85 2.95
CA THR A 249 -7.91 -35.19 3.48
C THR A 249 -7.80 -35.17 5.01
N LYS A 250 -6.99 -34.25 5.52
CA LYS A 250 -6.74 -34.16 6.96
C LYS A 250 -7.99 -33.74 7.75
N LEU A 251 -8.87 -32.98 7.11
CA LEU A 251 -10.08 -32.51 7.78
C LEU A 251 -11.29 -33.42 7.53
N CYS A 252 -11.06 -34.49 6.77
CA CYS A 252 -12.08 -35.50 6.53
C CYS A 252 -13.17 -35.06 5.56
N VAL A 253 -12.91 -34.00 4.80
CA VAL A 253 -13.81 -33.60 3.73
C VAL A 253 -13.93 -34.77 2.76
N PHE A 254 -12.78 -35.37 2.45
CA PHE A 254 -12.75 -36.62 1.70
C PHE A 254 -12.15 -37.69 2.61
N ASP A 255 -12.76 -38.87 2.60
CA ASP A 255 -12.30 -39.97 3.45
C ASP A 255 -10.98 -40.53 2.96
N ASP A 256 -10.57 -40.12 1.76
CA ASP A 256 -9.33 -40.60 1.17
C ASP A 256 -8.92 -39.72 0.01
N SER A 258 -7.85 -40.70 -2.83
CA SER A 258 -8.35 -41.30 -4.06
C SER A 258 -9.78 -40.86 -4.32
N GLN A 259 -10.44 -40.35 -3.28
CA GLN A 259 -11.81 -39.87 -3.37
C GLN A 259 -11.87 -38.44 -3.91
N HIS A 260 -10.73 -37.75 -3.92
CA HIS A 260 -10.72 -36.33 -4.24
C HIS A 260 -11.14 -36.07 -5.68
N THR A 261 -11.83 -34.95 -5.88
CA THR A 261 -12.49 -34.67 -7.14
C THR A 261 -11.82 -33.57 -7.95
N ILE A 262 -10.63 -33.14 -7.51
CA ILE A 262 -9.99 -31.98 -8.13
C ILE A 262 -9.57 -32.23 -9.58
N LEU A 263 -9.16 -33.45 -9.89
CA LEU A 263 -8.82 -33.79 -11.27
C LEU A 263 -10.08 -33.88 -12.12
N ASP A 264 -11.12 -34.51 -11.57
CA ASP A 264 -12.40 -34.56 -12.25
C ASP A 264 -12.83 -33.15 -12.65
N LEU A 266 -10.96 -30.60 -13.00
CA LEU A 266 -10.00 -30.10 -13.97
C LEU A 266 -10.38 -30.53 -15.39
N GLU A 267 -10.72 -31.80 -15.54
CA GLU A 267 -11.06 -32.32 -16.86
C GLU A 267 -12.36 -31.71 -17.38
N ARG A 268 -13.26 -31.36 -16.48
CA ARG A 268 -14.53 -30.76 -16.87
C ARG A 268 -14.38 -29.29 -17.32
N GLY A 269 -13.29 -28.65 -16.90
CA GLY A 269 -13.02 -27.28 -17.31
C GLY A 269 -12.98 -26.27 -16.20
N VAL A 270 -13.14 -26.73 -14.96
CA VAL A 270 -13.09 -25.83 -13.80
C VAL A 270 -11.66 -25.34 -13.57
N LYS A 271 -11.54 -24.03 -13.32
CA LYS A 271 -10.24 -23.38 -13.15
C LYS A 271 -9.65 -23.68 -11.78
N VAL A 272 -9.50 -24.95 -11.46
CA VAL A 272 -8.98 -25.36 -10.16
C VAL A 272 -7.48 -25.11 -10.03
N THR A 273 -7.03 -24.90 -8.79
CA THR A 273 -5.61 -24.72 -8.52
C THR A 273 -5.19 -25.58 -7.32
N VAL A 274 -3.89 -25.78 -7.16
CA VAL A 274 -3.38 -26.56 -6.04
C VAL A 274 -2.75 -25.65 -4.99
N ASN A 275 -3.13 -25.85 -3.73
CA ASN A 275 -2.62 -25.04 -2.63
C ASN A 275 -2.46 -25.86 -1.36
N SER A 276 -1.60 -25.42 -0.45
CA SER A 276 -1.31 -26.18 0.77
C SER A 276 -2.17 -25.76 1.97
N ASP A 277 -2.73 -24.56 1.90
CA ASP A 277 -3.69 -24.09 2.92
C ASP A 277 -3.07 -23.84 4.31
N ASP A 278 -2.93 -24.90 5.10
CA ASP A 278 -2.28 -24.82 6.40
C ASP A 278 -1.21 -25.92 6.50
N PRO A 279 -0.08 -25.71 5.81
CA PRO A 279 0.97 -26.70 5.57
C PRO A 279 1.57 -27.31 6.83
N ALA A 280 1.76 -26.50 7.88
CA ALA A 280 2.35 -27.00 9.11
C ALA A 280 1.43 -27.99 9.81
N TYR A 281 0.15 -27.93 9.46
CA TYR A 281 -0.86 -28.74 10.12
C TYR A 281 -1.30 -29.94 9.31
N PHE A 282 -1.06 -29.89 8.00
CA PHE A 282 -1.49 -30.97 7.13
C PHE A 282 -0.29 -31.73 6.56
N GLY A 283 0.90 -31.37 7.02
CA GLY A 283 2.11 -32.08 6.68
C GLY A 283 2.48 -32.05 5.21
N GLY A 284 2.52 -30.84 4.64
CA GLY A 284 2.90 -30.69 3.26
C GLY A 284 2.68 -29.29 2.74
N TYR A 285 3.62 -28.80 1.95
CA TYR A 285 3.45 -27.53 1.27
C TYR A 285 2.96 -27.81 -0.15
N VAL A 286 2.89 -26.79 -0.99
CA VAL A 286 2.23 -26.94 -2.28
C VAL A 286 2.74 -28.12 -3.12
N THR A 287 4.06 -28.31 -3.15
CA THR A 287 4.65 -29.41 -3.90
C THR A 287 4.20 -30.77 -3.37
N GLU A 288 4.11 -30.88 -2.04
CA GLU A 288 3.63 -32.09 -1.41
C GLU A 288 2.16 -32.32 -1.75
N ASN A 289 1.48 -31.25 -2.14
CA ASN A 289 0.09 -31.36 -2.54
C ASN A 289 -0.05 -31.89 -3.97
N PHE A 290 0.72 -31.30 -4.89
CA PHE A 290 0.80 -31.80 -6.26
C PHE A 290 1.13 -33.29 -6.25
N HIS A 291 2.09 -33.64 -5.41
CA HIS A 291 2.60 -35.01 -5.34
C HIS A 291 1.50 -35.97 -4.92
N ALA A 292 0.78 -35.63 -3.87
CA ALA A 292 -0.32 -36.45 -3.38
C ALA A 292 -1.33 -36.76 -4.51
N LEU A 293 -1.57 -35.78 -5.37
CA LEU A 293 -2.48 -35.97 -6.49
C LEU A 293 -1.94 -37.02 -7.45
N GLN A 294 -0.61 -37.07 -7.58
CA GLN A 294 0.04 -38.00 -8.48
C GLN A 294 0.00 -39.42 -7.94
N GLN A 295 0.29 -39.57 -6.65
CA GLN A 295 0.34 -40.89 -6.02
C GLN A 295 -1.05 -41.53 -5.90
N SER A 296 -2.03 -40.76 -5.47
CA SER A 296 -3.35 -41.30 -5.17
C SER A 296 -4.36 -41.18 -6.31
N LEU A 297 -4.12 -40.27 -7.24
CA LEU A 297 -5.04 -40.05 -8.35
C LEU A 297 -4.39 -40.25 -9.72
N GLY A 298 -3.15 -40.73 -9.72
CA GLY A 298 -2.43 -40.94 -10.96
C GLY A 298 -2.38 -39.70 -11.84
N THR A 300 -1.16 -36.72 -14.08
CA THR A 300 -0.12 -36.74 -15.11
C THR A 300 0.64 -35.42 -15.15
N GLU A 301 1.83 -35.44 -15.73
CA GLU A 301 2.58 -34.21 -15.96
C GLU A 301 1.70 -33.24 -16.72
N GLU A 302 0.88 -33.79 -17.60
CA GLU A 302 -0.03 -33.00 -18.42
C GLU A 302 -0.90 -32.12 -17.54
N GLN A 303 -1.59 -32.76 -16.60
CA GLN A 303 -2.49 -32.06 -15.70
C GLN A 303 -1.69 -31.24 -14.70
N ALA A 304 -0.42 -31.60 -14.52
CA ALA A 304 0.46 -30.87 -13.63
C ALA A 304 0.75 -29.48 -14.17
N ARG A 305 1.17 -29.44 -15.42
CA ARG A 305 1.47 -28.17 -16.07
C ARG A 305 0.24 -27.28 -16.12
N ARG A 306 -0.93 -27.92 -16.23
CA ARG A 306 -2.19 -27.19 -16.38
C ARG A 306 -2.61 -26.54 -15.07
N LEU A 307 -2.55 -27.30 -13.99
CA LEU A 307 -2.87 -26.78 -12.66
C LEU A 307 -1.93 -25.65 -12.26
N ALA A 308 -0.65 -25.83 -12.53
CA ALA A 308 0.35 -24.82 -12.22
C ALA A 308 0.06 -23.54 -13.01
N GLN A 309 -0.33 -23.71 -14.27
CA GLN A 309 -0.63 -22.57 -15.13
C GLN A 309 -1.86 -21.81 -14.65
N ASN A 310 -2.90 -22.54 -14.28
CA ASN A 310 -4.11 -21.93 -13.77
C ASN A 310 -3.81 -21.01 -12.59
N SER A 311 -2.92 -21.46 -11.71
CA SER A 311 -2.57 -20.67 -10.53
C SER A 311 -1.88 -19.37 -10.94
N LEU A 312 -1.11 -19.41 -12.02
CA LEU A 312 -0.50 -18.20 -12.54
C LEU A 312 -1.58 -17.30 -13.14
N ASP A 313 -2.47 -17.90 -13.91
CA ASP A 313 -3.54 -17.16 -14.57
C ASP A 313 -4.48 -16.51 -13.56
N ALA A 314 -4.72 -17.19 -12.44
CA ALA A 314 -5.70 -16.74 -11.44
C ALA A 314 -5.15 -15.73 -10.45
N ARG A 315 -3.91 -15.31 -10.64
CA ARG A 315 -3.34 -14.24 -9.83
C ARG A 315 -4.23 -13.01 -9.93
N LEU A 316 -4.46 -12.34 -8.80
CA LEU A 316 -5.28 -11.13 -8.79
C LEU A 316 -4.52 -9.93 -9.35
N TYR B 4 -7.12 31.58 -20.09
CA TYR B 4 -7.25 30.97 -18.77
C TYR B 4 -8.08 29.70 -18.84
N GLU B 5 -9.31 29.82 -19.30
CA GLU B 5 -10.21 28.67 -19.43
C GLU B 5 -9.57 27.56 -20.27
N TRP B 6 -8.84 27.96 -21.30
CA TRP B 6 -8.15 27.01 -22.16
C TRP B 6 -7.05 26.33 -21.36
N LEU B 7 -6.29 27.13 -20.60
CA LEU B 7 -5.26 26.58 -19.74
C LEU B 7 -5.89 25.63 -18.73
N ASN B 8 -6.98 26.08 -18.12
CA ASN B 8 -7.69 25.30 -17.12
C ASN B 8 -8.24 23.99 -17.69
N ALA B 9 -8.52 23.98 -18.99
CA ALA B 9 -9.12 22.82 -19.63
C ALA B 9 -8.10 21.72 -19.89
N LEU B 10 -6.83 22.10 -19.94
CA LEU B 10 -5.76 21.14 -20.18
C LEU B 10 -5.70 20.06 -19.11
N PRO B 11 -5.70 18.78 -19.52
CA PRO B 11 -5.49 17.69 -18.57
C PRO B 11 -4.11 17.84 -17.93
N LYS B 12 -4.05 17.85 -16.61
CA LYS B 12 -2.81 18.13 -15.90
C LYS B 12 -2.51 17.08 -14.82
N ALA B 13 -1.23 16.90 -14.52
CA ALA B 13 -0.79 16.09 -13.39
C ALA B 13 0.01 16.99 -12.46
N GLU B 14 -0.29 16.95 -11.18
CA GLU B 14 0.49 17.74 -10.23
C GLU B 14 1.45 16.86 -9.44
N LEU B 15 2.74 17.07 -9.65
CA LEU B 15 3.78 16.22 -9.11
C LEU B 15 4.63 16.93 -8.06
N HIS B 16 4.27 18.18 -7.78
CA HIS B 16 4.97 18.95 -6.75
C HIS B 16 3.98 19.81 -5.98
N LEU B 17 3.41 19.24 -4.92
CA LEU B 17 2.47 19.97 -4.10
C LEU B 17 2.43 19.45 -2.66
N HIS B 18 2.63 20.35 -1.71
CA HIS B 18 2.56 20.01 -0.31
C HIS B 18 1.12 20.15 0.18
N LEU B 19 0.55 19.06 0.68
CA LEU B 19 -0.80 19.09 1.22
C LEU B 19 -0.92 20.16 2.29
N GLU B 20 0.09 20.25 3.16
CA GLU B 20 0.11 21.26 4.21
C GLU B 20 0.02 22.68 3.65
N GLY B 21 0.56 22.85 2.44
CA GLY B 21 0.59 24.15 1.80
C GLY B 21 -0.69 24.48 1.05
N THR B 22 -1.69 23.62 1.20
CA THR B 22 -3.01 23.90 0.61
C THR B 22 -4.01 24.34 1.67
N LEU B 23 -3.53 24.66 2.85
CA LEU B 23 -4.37 25.06 3.97
C LEU B 23 -4.84 26.52 3.88
N GLU B 24 -5.96 26.73 3.20
CA GLU B 24 -6.56 28.05 3.09
C GLU B 24 -6.84 28.63 4.48
N PRO B 25 -6.70 29.94 4.63
CA PRO B 25 -6.97 30.62 5.90
C PRO B 25 -8.35 30.28 6.44
N GLU B 26 -9.34 30.21 5.55
CA GLU B 26 -10.70 29.89 5.99
C GLU B 26 -10.76 28.51 6.65
N LEU B 27 -10.18 27.51 6.00
CA LEU B 27 -10.16 26.17 6.56
C LEU B 27 -9.37 26.16 7.87
N LEU B 28 -8.33 26.97 7.93
CA LEU B 28 -7.49 27.05 9.12
C LEU B 28 -8.30 27.57 10.31
N PHE B 29 -9.01 28.68 10.11
CA PHE B 29 -9.86 29.22 11.16
C PHE B 29 -11.01 28.26 11.51
N ALA B 30 -11.58 27.62 10.51
CA ALA B 30 -12.65 26.67 10.73
C ALA B 30 -12.16 25.47 11.54
N LEU B 31 -11.01 24.93 11.14
CA LEU B 31 -10.40 23.82 11.87
C LEU B 31 -10.05 24.26 13.28
N ALA B 32 -9.50 25.46 13.39
CA ALA B 32 -9.14 26.02 14.69
C ALA B 32 -10.37 26.07 15.58
N GLU B 33 -11.50 26.51 15.03
CA GLU B 33 -12.72 26.60 15.82
C GLU B 33 -13.18 25.22 16.28
N ARG B 34 -13.14 24.26 15.38
CA ARG B 34 -13.55 22.90 15.71
C ARG B 34 -12.69 22.35 16.85
N ASN B 35 -11.39 22.61 16.78
CA ASN B 35 -10.44 22.10 17.76
C ASN B 35 -10.28 22.99 19.00
N ARG B 36 -11.07 24.05 19.08
CA ARG B 36 -11.05 24.95 20.24
C ARG B 36 -9.69 25.60 20.46
N ILE B 37 -8.98 25.90 19.37
CA ILE B 37 -7.68 26.55 19.46
C ILE B 37 -7.80 28.06 19.37
N ALA B 38 -7.22 28.77 20.33
CA ALA B 38 -7.11 30.21 20.26
C ALA B 38 -5.96 30.59 19.34
N LEU B 39 -6.29 31.23 18.21
CA LEU B 39 -5.30 31.55 17.19
C LEU B 39 -4.53 32.84 17.48
N PRO B 40 -3.26 32.88 17.04
CA PRO B 40 -2.38 34.05 17.14
C PRO B 40 -2.79 35.14 16.16
N TRP B 41 -3.83 34.88 15.38
CA TRP B 41 -4.30 35.86 14.40
C TRP B 41 -5.70 36.32 14.74
N ASN B 42 -5.88 37.64 14.78
CA ASN B 42 -7.16 38.24 15.10
C ASN B 42 -8.28 37.70 14.22
N ASP B 43 -8.09 37.77 12.92
CA ASP B 43 -9.07 37.26 11.96
C ASP B 43 -8.38 36.72 10.71
N VAL B 44 -9.16 36.21 9.77
CA VAL B 44 -8.61 35.63 8.55
C VAL B 44 -7.98 36.71 7.66
N GLU B 45 -8.56 37.90 7.66
CA GLU B 45 -7.98 39.01 6.92
C GLU B 45 -6.57 39.26 7.41
N THR B 46 -6.41 39.28 8.73
CA THR B 46 -5.11 39.49 9.37
C THR B 46 -4.11 38.41 8.98
N LEU B 47 -4.58 37.17 8.85
CA LEU B 47 -3.72 36.06 8.47
C LEU B 47 -3.26 36.20 7.02
N ARG B 48 -4.18 36.58 6.15
CA ARG B 48 -3.90 36.69 4.73
C ARG B 48 -2.82 37.75 4.47
N LYS B 49 -2.77 38.75 5.33
CA LYS B 49 -1.75 39.79 5.22
C LYS B 49 -0.37 39.31 5.67
N ALA B 50 -0.31 38.13 6.28
CA ALA B 50 0.96 37.53 6.66
C ALA B 50 1.55 36.71 5.51
N TYR B 51 0.80 36.60 4.42
CA TYR B 51 1.21 35.82 3.26
C TYR B 51 2.14 36.58 2.34
N ALA B 52 3.17 37.18 2.91
CA ALA B 52 4.19 37.86 2.11
C ALA B 52 5.56 37.44 2.62
N PHE B 53 6.44 37.07 1.70
CA PHE B 53 7.67 36.38 2.07
C PHE B 53 8.92 36.99 1.46
N ASN B 54 9.98 37.04 2.26
CA ASN B 54 11.26 37.58 1.84
C ASN B 54 12.20 36.45 1.43
N ASN B 55 11.91 35.26 1.93
CA ASN B 55 12.67 34.06 1.57
C ASN B 55 11.94 32.80 2.03
N LEU B 56 12.48 31.64 1.65
CA LEU B 56 11.90 30.37 2.05
C LEU B 56 11.62 30.31 3.55
N GLN B 57 12.62 30.70 4.34
CA GLN B 57 12.51 30.58 5.79
C GLN B 57 11.29 31.30 6.36
N GLU B 58 11.06 32.51 5.88
CA GLU B 58 9.95 33.32 6.37
C GLU B 58 8.62 32.63 6.09
N PHE B 59 8.50 32.05 4.90
CA PHE B 59 7.33 31.28 4.54
C PHE B 59 7.18 30.05 5.44
N LEU B 60 8.27 29.29 5.59
CA LEU B 60 8.25 28.09 6.41
C LEU B 60 7.79 28.36 7.84
N ASP B 61 8.21 29.49 8.40
CA ASP B 61 7.84 29.82 9.77
C ASP B 61 6.32 29.89 9.90
N LEU B 62 5.67 30.52 8.93
CA LEU B 62 4.22 30.63 8.91
C LEU B 62 3.62 29.28 8.55
N TYR B 63 4.20 28.67 7.52
CA TYR B 63 3.79 27.36 7.02
C TYR B 63 3.63 26.34 8.16
N TYR B 64 4.61 26.27 9.05
CA TYR B 64 4.58 25.31 10.15
C TYR B 64 3.61 25.70 11.27
N ALA B 65 3.57 26.97 11.61
CA ALA B 65 2.67 27.46 12.65
C ALA B 65 1.22 27.13 12.32
N GLY B 66 0.89 27.16 11.03
CA GLY B 66 -0.47 26.88 10.59
C GLY B 66 -0.88 25.44 10.81
N ALA B 67 0.09 24.53 10.76
CA ALA B 67 -0.19 23.09 10.91
C ALA B 67 -0.75 22.73 12.27
N ASP B 68 -0.64 23.65 13.23
CA ASP B 68 -1.17 23.44 14.58
C ASP B 68 -2.64 23.01 14.56
N VAL B 69 -3.41 23.51 13.60
CA VAL B 69 -4.83 23.20 13.52
C VAL B 69 -5.09 21.77 13.10
N LEU B 70 -4.10 21.16 12.44
CA LEU B 70 -4.25 19.80 11.94
C LEU B 70 -3.98 18.80 13.04
N ARG B 71 -5.05 18.26 13.62
CA ARG B 71 -4.93 17.39 14.79
C ARG B 71 -5.72 16.09 14.69
N THR B 72 -6.87 16.17 14.02
CA THR B 72 -7.79 15.05 13.93
C THR B 72 -7.74 14.37 12.57
N GLU B 73 -8.11 13.10 12.50
CA GLU B 73 -8.20 12.40 11.22
C GLU B 73 -9.09 13.17 10.26
N GLN B 74 -10.22 13.65 10.77
CA GLN B 74 -11.14 14.44 9.97
C GLN B 74 -10.46 15.72 9.48
N ASP B 75 -9.59 16.28 10.32
CA ASP B 75 -8.80 17.45 9.96
C ASP B 75 -7.97 17.17 8.71
N PHE B 76 -7.31 16.02 8.69
CA PHE B 76 -6.47 15.67 7.56
C PHE B 76 -7.30 15.28 6.34
N TYR B 77 -8.49 14.74 6.56
CA TYR B 77 -9.39 14.47 5.46
C TYR B 77 -9.85 15.76 4.81
N ASP B 78 -10.39 16.67 5.63
CA ASP B 78 -10.89 17.95 5.14
C ASP B 78 -9.86 18.67 4.27
N LEU B 79 -8.62 18.70 4.76
CA LEU B 79 -7.54 19.37 4.05
C LEU B 79 -7.31 18.76 2.67
N THR B 80 -7.13 17.44 2.65
CA THR B 80 -6.87 16.70 1.42
C THR B 80 -8.05 16.75 0.46
N TRP B 81 -9.25 16.56 1.00
CA TRP B 81 -10.48 16.55 0.22
C TRP B 81 -10.70 17.91 -0.46
N ALA B 82 -10.36 18.99 0.24
CA ALA B 82 -10.50 20.33 -0.34
C ALA B 82 -9.54 20.53 -1.52
N TYR B 83 -8.30 20.06 -1.37
CA TYR B 83 -7.33 20.16 -2.46
C TYR B 83 -7.76 19.37 -3.69
N LEU B 84 -8.31 18.18 -3.47
CA LEU B 84 -8.75 17.33 -4.56
C LEU B 84 -9.89 17.99 -5.34
N GLN B 85 -10.82 18.63 -4.63
CA GLN B 85 -11.89 19.35 -5.29
C GLN B 85 -11.32 20.46 -6.17
N LYS B 86 -10.24 21.07 -5.69
CA LYS B 86 -9.53 22.07 -6.46
C LYS B 86 -8.95 21.46 -7.73
N CYS B 87 -8.51 20.20 -7.64
CA CYS B 87 -7.94 19.51 -8.78
C CYS B 87 -9.03 19.20 -9.81
N LYS B 88 -10.18 18.73 -9.30
CA LYS B 88 -11.32 18.44 -10.14
C LYS B 88 -11.75 19.68 -10.93
N ALA B 89 -11.66 20.84 -10.28
CA ALA B 89 -12.05 22.10 -10.91
C ALA B 89 -11.02 22.56 -11.93
N GLN B 90 -9.79 22.09 -11.81
CA GLN B 90 -8.73 22.53 -12.70
C GLN B 90 -8.20 21.41 -13.59
N ASN B 91 -8.99 20.35 -13.72
CA ASN B 91 -8.65 19.24 -14.61
C ASN B 91 -7.32 18.58 -14.30
N VAL B 92 -6.88 18.71 -13.06
CA VAL B 92 -5.79 17.88 -12.56
C VAL B 92 -6.36 16.49 -12.39
N VAL B 93 -5.94 15.55 -13.25
CA VAL B 93 -6.47 14.20 -13.25
C VAL B 93 -5.59 13.26 -12.43
N HIS B 94 -4.39 13.71 -12.11
CA HIS B 94 -3.43 12.88 -11.39
C HIS B 94 -2.63 13.69 -10.39
N VAL B 95 -2.52 13.19 -9.16
CA VAL B 95 -1.78 13.89 -8.11
C VAL B 95 -0.73 12.98 -7.46
N GLU B 96 0.43 13.57 -7.17
CA GLU B 96 1.48 12.88 -6.42
C GLU B 96 2.04 13.83 -5.36
N PRO B 97 1.21 14.13 -4.36
CA PRO B 97 1.44 15.18 -3.34
C PRO B 97 2.39 14.76 -2.25
N PHE B 98 3.07 15.73 -1.65
CA PHE B 98 3.90 15.48 -0.47
C PHE B 98 3.06 15.63 0.79
N PHE B 99 3.56 15.06 1.87
CA PHE B 99 3.13 15.46 3.22
C PHE B 99 4.32 15.34 4.16
N ASP B 100 4.28 16.07 5.27
CA ASP B 100 5.39 16.11 6.22
C ASP B 100 5.00 15.44 7.52
N PRO B 101 5.14 14.12 7.60
CA PRO B 101 4.77 13.37 8.81
C PRO B 101 5.33 14.01 10.09
N GLN B 102 6.60 14.36 10.07
CA GLN B 102 7.29 14.85 11.27
C GLN B 102 6.63 16.10 11.84
N THR B 103 6.18 17.00 10.97
CA THR B 103 5.51 18.22 11.41
C THR B 103 4.38 17.89 12.36
N HIS B 104 3.69 16.78 12.07
CA HIS B 104 2.53 16.38 12.86
C HIS B 104 2.90 15.45 14.01
N THR B 105 3.72 14.45 13.72
CA THR B 105 4.12 13.48 14.74
C THR B 105 4.86 14.15 15.89
N ASP B 106 5.73 15.10 15.56
CA ASP B 106 6.47 15.84 16.58
C ASP B 106 5.53 16.62 17.49
N ARG B 107 4.32 16.88 17.01
CA ARG B 107 3.31 17.60 17.80
C ARG B 107 2.44 16.63 18.58
N GLY B 108 2.77 15.34 18.49
CA GLY B 108 2.07 14.34 19.27
C GLY B 108 0.99 13.63 18.50
N ILE B 109 0.72 14.09 17.28
CA ILE B 109 -0.28 13.45 16.43
C ILE B 109 0.24 12.11 15.93
N PRO B 110 -0.57 11.04 16.11
CA PRO B 110 -0.16 9.70 15.69
C PRO B 110 0.01 9.62 14.18
N PHE B 111 1.09 8.99 13.75
CA PHE B 111 1.38 8.84 12.33
C PHE B 111 0.18 8.26 11.59
N GLU B 112 -0.48 7.31 12.22
CA GLU B 112 -1.59 6.59 11.59
C GLU B 112 -2.81 7.47 11.36
N VAL B 113 -3.04 8.42 12.27
CA VAL B 113 -4.16 9.35 12.12
C VAL B 113 -3.96 10.21 10.88
N VAL B 114 -2.75 10.75 10.76
CA VAL B 114 -2.37 11.56 9.60
C VAL B 114 -2.65 10.80 8.31
N LEU B 115 -2.18 9.56 8.25
CA LEU B 115 -2.31 8.76 7.04
C LEU B 115 -3.75 8.34 6.77
N ALA B 116 -4.50 8.07 7.83
CA ALA B 116 -5.90 7.70 7.69
C ALA B 116 -6.65 8.78 6.93
N GLY B 117 -6.63 10.00 7.47
CA GLY B 117 -7.35 11.11 6.89
C GLY B 117 -6.99 11.34 5.43
N ILE B 118 -5.70 11.38 5.15
CA ILE B 118 -5.21 11.60 3.79
C ILE B 118 -5.65 10.48 2.85
N ARG B 119 -5.30 9.25 3.21
CA ARG B 119 -5.63 8.07 2.41
C ARG B 119 -7.12 8.01 2.11
N ALA B 120 -7.93 8.29 3.13
CA ALA B 120 -9.37 8.33 2.98
C ALA B 120 -9.79 9.29 1.89
N ALA B 121 -9.25 10.50 1.94
CA ALA B 121 -9.60 11.53 0.97
C ALA B 121 -9.17 11.14 -0.44
N LEU B 122 -8.01 10.49 -0.55
CA LEU B 122 -7.49 10.08 -1.85
C LEU B 122 -8.36 9.01 -2.51
N ARG B 123 -8.89 8.09 -1.71
CA ARG B 123 -9.81 7.09 -2.23
C ARG B 123 -11.05 7.74 -2.80
N ASP B 124 -11.54 8.77 -2.11
CA ASP B 124 -12.68 9.53 -2.61
C ASP B 124 -12.32 10.23 -3.91
N GLY B 125 -11.13 10.82 -3.94
CA GLY B 125 -10.64 11.45 -5.15
C GLY B 125 -10.66 10.46 -6.30
N GLU B 126 -10.18 9.25 -6.04
CA GLU B 126 -10.14 8.22 -7.07
C GLU B 126 -11.55 7.81 -7.50
N LYS B 127 -12.35 7.33 -6.57
CA LYS B 127 -13.64 6.74 -6.94
C LYS B 127 -14.73 7.76 -7.27
N LEU B 128 -14.67 8.94 -6.65
CA LEU B 128 -15.69 9.97 -6.88
C LEU B 128 -15.29 10.98 -7.94
N LEU B 129 -13.98 11.25 -8.05
CA LEU B 129 -13.50 12.31 -8.93
C LEU B 129 -12.67 11.77 -10.09
N GLY B 130 -12.29 10.51 -10.01
CA GLY B 130 -11.47 9.89 -11.05
C GLY B 130 -10.04 10.41 -11.05
N ILE B 131 -9.61 10.95 -9.92
CA ILE B 131 -8.24 11.47 -9.80
C ILE B 131 -7.29 10.42 -9.22
N ARG B 132 -6.36 9.95 -10.03
CA ARG B 132 -5.36 8.98 -9.58
C ARG B 132 -4.31 9.65 -8.70
N HIS B 133 -3.69 8.88 -7.82
CA HIS B 133 -2.80 9.45 -6.81
C HIS B 133 -1.58 8.58 -6.52
N GLY B 134 -0.53 9.23 -6.02
CA GLY B 134 0.67 8.56 -5.57
C GLY B 134 1.29 9.36 -4.44
N LEU B 135 0.92 9.02 -3.21
CA LEU B 135 1.35 9.78 -2.04
C LEU B 135 2.85 9.69 -1.81
N ILE B 136 3.46 10.84 -1.54
CA ILE B 136 4.90 10.91 -1.31
C ILE B 136 5.19 11.41 0.11
N LEU B 137 5.87 10.58 0.89
CA LEU B 137 6.25 10.92 2.26
C LEU B 137 7.53 11.74 2.23
N SER B 138 7.45 12.96 2.75
CA SER B 138 8.58 13.88 2.73
C SER B 138 9.25 14.01 4.09
N PHE B 139 10.59 13.97 4.12
CA PHE B 139 11.34 14.19 5.34
C PHE B 139 11.68 15.66 5.52
N LEU B 140 11.66 16.13 6.76
CA LEU B 140 12.07 17.50 7.07
C LEU B 140 13.59 17.60 7.18
N ARG B 141 14.21 18.27 6.20
CA ARG B 141 15.66 18.26 6.06
C ARG B 141 16.41 19.05 7.13
N HIS B 142 15.75 19.99 7.78
CA HIS B 142 16.42 20.79 8.81
C HIS B 142 16.56 20.02 10.11
N LEU B 143 15.87 18.88 10.19
CA LEU B 143 16.03 17.99 11.32
C LEU B 143 17.10 16.92 11.00
N SER B 144 17.42 16.10 11.99
CA SER B 144 18.50 15.13 11.85
C SER B 144 18.11 13.94 11.00
N GLU B 145 19.10 13.24 10.46
CA GLU B 145 18.85 12.01 9.72
C GLU B 145 18.26 10.97 10.65
N GLU B 146 18.69 10.98 11.90
CA GLU B 146 18.18 10.05 12.90
C GLU B 146 16.69 10.22 13.10
N GLN B 147 16.23 11.47 13.03
CA GLN B 147 14.80 11.77 13.13
C GLN B 147 14.05 11.27 11.89
N ALA B 148 14.65 11.47 10.72
CA ALA B 148 14.07 10.95 9.48
C ALA B 148 14.02 9.42 9.53
N GLN B 149 15.11 8.82 10.03
CA GLN B 149 15.21 7.38 10.16
C GLN B 149 14.05 6.80 10.98
N LYS B 150 13.73 7.45 12.10
CA LYS B 150 12.65 6.96 12.94
C LYS B 150 11.32 7.07 12.22
N THR B 151 11.21 8.07 11.34
CA THR B 151 10.01 8.24 10.52
C THR B 151 9.89 7.11 9.50
N LEU B 152 10.98 6.82 8.80
CA LEU B 152 11.00 5.71 7.85
C LEU B 152 10.52 4.43 8.53
N ASP B 153 10.90 4.25 9.78
CA ASP B 153 10.50 3.08 10.55
C ASP B 153 9.00 3.06 10.78
N GLN B 154 8.44 4.23 11.11
CA GLN B 154 7.01 4.34 11.33
C GLN B 154 6.24 3.98 10.06
N ALA B 155 6.85 4.23 8.91
CA ALA B 155 6.15 4.07 7.63
C ALA B 155 6.39 2.71 6.95
N LEU B 156 7.34 1.94 7.46
CA LEU B 156 7.63 0.63 6.85
C LEU B 156 6.40 -0.27 6.75
N PRO B 157 5.63 -0.38 7.86
CA PRO B 157 4.41 -1.19 7.80
C PRO B 157 3.39 -0.58 6.85
N PHE B 158 3.48 0.73 6.65
CA PHE B 158 2.58 1.46 5.77
C PHE B 158 3.14 1.59 4.35
N ARG B 159 4.34 1.07 4.14
CA ARG B 159 5.11 1.40 2.94
C ARG B 159 4.32 1.43 1.63
N ASP B 160 3.30 0.58 1.52
CA ASP B 160 2.53 0.48 0.28
C ASP B 160 1.66 1.72 -0.01
N ALA B 161 1.47 2.56 1.00
CA ALA B 161 0.68 3.77 0.83
C ALA B 161 1.45 4.86 0.10
N PHE B 162 2.77 4.66 -0.03
CA PHE B 162 3.64 5.67 -0.62
C PHE B 162 4.39 5.13 -1.83
N ILE B 163 4.55 5.98 -2.85
CA ILE B 163 5.30 5.60 -4.03
C ILE B 163 6.77 5.96 -3.87
N ALA B 164 7.03 6.93 -3.00
CA ALA B 164 8.37 7.48 -2.84
C ALA B 164 8.53 8.29 -1.56
N VAL B 165 9.77 8.64 -1.25
CA VAL B 165 10.05 9.55 -0.17
C VAL B 165 10.67 10.80 -0.79
N GLY B 166 10.56 11.93 -0.09
CA GLY B 166 11.07 13.19 -0.58
C GLY B 166 11.78 14.00 0.49
N LEU B 167 12.28 15.16 0.11
CA LEU B 167 13.00 16.01 1.06
C LEU B 167 12.63 17.49 0.90
N ASP B 168 12.24 18.12 1.99
CA ASP B 168 11.86 19.52 1.94
C ASP B 168 12.29 20.26 3.21
N SER B 169 11.84 21.52 3.31
CA SER B 169 12.23 22.43 4.39
C SER B 169 13.44 23.28 4.02
N SER B 170 14.10 23.85 5.01
CA SER B 170 15.25 24.73 4.78
C SER B 170 16.35 24.02 4.02
N GLU B 171 16.61 24.46 2.79
CA GLU B 171 17.54 23.75 1.92
C GLU B 171 19.01 24.09 2.19
N VAL B 172 19.34 25.38 2.19
CA VAL B 172 20.73 25.79 2.36
C VAL B 172 21.24 25.35 3.73
N GLY B 173 22.40 24.70 3.74
CA GLY B 173 22.99 24.22 4.99
C GLY B 173 22.58 22.79 5.34
N HIS B 174 21.68 22.23 4.56
CA HIS B 174 21.22 20.85 4.77
C HIS B 174 21.24 20.09 3.46
N PRO B 175 22.44 19.76 2.96
CA PRO B 175 22.58 19.12 1.65
C PRO B 175 21.89 17.78 1.60
N PRO B 176 21.62 17.27 0.40
CA PRO B 176 21.05 15.93 0.20
C PRO B 176 21.90 14.85 0.86
N SER B 177 23.22 15.03 0.86
CA SER B 177 24.15 14.06 1.43
C SER B 177 23.86 13.77 2.91
N LYS B 178 23.19 14.72 3.55
CA LYS B 178 22.84 14.59 4.97
C LYS B 178 21.84 13.47 5.19
N PHE B 179 21.15 13.05 4.14
CA PHE B 179 20.12 12.03 4.26
C PHE B 179 20.35 10.85 3.32
N GLN B 180 21.62 10.57 3.03
CA GLN B 180 21.95 9.49 2.12
C GLN B 180 21.55 8.12 2.67
N ARG B 181 21.88 7.85 3.93
CA ARG B 181 21.60 6.54 4.51
C ARG B 181 20.10 6.23 4.56
N VAL B 182 19.30 7.19 5.01
CA VAL B 182 17.86 6.99 5.10
C VAL B 182 17.26 6.78 3.70
N PHE B 183 17.76 7.52 2.72
CA PHE B 183 17.30 7.37 1.34
C PHE B 183 17.80 6.05 0.76
N ASP B 184 18.99 5.64 1.18
CA ASP B 184 19.51 4.32 0.81
C ASP B 184 18.61 3.23 1.36
N ARG B 185 18.21 3.39 2.61
CA ARG B 185 17.37 2.40 3.27
C ARG B 185 15.98 2.34 2.64
N ALA B 186 15.41 3.52 2.36
CA ALA B 186 14.08 3.58 1.75
C ALA B 186 14.05 2.89 0.39
N ARG B 187 15.05 3.16 -0.44
CA ARG B 187 15.14 2.52 -1.74
C ARG B 187 15.30 1.01 -1.56
N SER B 188 16.01 0.63 -0.50
CA SER B 188 16.18 -0.77 -0.15
C SER B 188 14.82 -1.36 0.21
N GLU B 189 14.05 -0.61 0.98
CA GLU B 189 12.76 -1.08 1.47
C GLU B 189 11.63 -0.98 0.44
N GLY B 190 11.96 -0.47 -0.75
CA GLY B 190 11.01 -0.47 -1.84
C GLY B 190 10.50 0.88 -2.30
N PHE B 191 10.93 1.95 -1.64
CA PHE B 191 10.50 3.29 -2.02
C PHE B 191 11.26 3.82 -3.23
N LEU B 192 10.60 4.66 -4.03
CA LEU B 192 11.29 5.50 -4.98
C LEU B 192 11.71 6.78 -4.25
N THR B 193 12.50 7.62 -4.89
CA THR B 193 12.94 8.85 -4.24
C THR B 193 12.80 10.08 -5.12
N VAL B 194 12.51 11.21 -4.48
CA VAL B 194 12.57 12.52 -5.12
C VAL B 194 13.10 13.49 -4.07
N ALA B 195 13.47 14.70 -4.49
CA ALA B 195 14.02 15.67 -3.54
C ALA B 195 13.93 17.11 -4.02
N HIS B 196 13.72 18.03 -3.09
CA HIS B 196 13.88 19.44 -3.37
C HIS B 196 15.37 19.72 -3.52
N ALA B 197 15.74 20.38 -4.61
CA ALA B 197 17.11 20.76 -4.85
C ALA B 197 17.17 21.90 -5.86
N GLY B 198 18.01 22.89 -5.60
CA GLY B 198 18.19 23.97 -6.53
C GLY B 198 17.14 25.06 -6.42
N GLU B 199 16.45 25.08 -5.28
CA GLU B 199 15.50 26.15 -5.00
C GLU B 199 16.27 27.35 -4.48
N GLU B 200 16.81 27.23 -3.27
CA GLU B 200 17.75 28.23 -2.76
C GLU B 200 19.14 27.61 -2.66
N GLY B 201 19.25 26.33 -3.01
CA GLY B 201 20.50 25.61 -2.92
C GLY B 201 21.31 25.62 -4.20
N PRO B 202 22.62 25.34 -4.08
CA PRO B 202 23.57 25.35 -5.20
C PRO B 202 23.30 24.21 -6.18
N PRO B 203 23.85 24.30 -7.41
CA PRO B 203 23.76 23.21 -8.37
C PRO B 203 24.39 21.93 -7.81
N GLU B 204 25.27 22.10 -6.83
CA GLU B 204 25.93 20.97 -6.18
C GLU B 204 24.92 20.08 -5.47
N TYR B 205 23.89 20.69 -4.90
CA TYR B 205 22.85 19.96 -4.20
C TYR B 205 22.03 19.11 -5.17
N ILE B 206 21.86 19.61 -6.39
CA ILE B 206 21.13 18.87 -7.41
C ILE B 206 21.93 17.64 -7.79
N TRP B 207 23.24 17.81 -7.95
CA TRP B 207 24.14 16.70 -8.25
C TRP B 207 24.02 15.61 -7.17
N GLU B 208 24.04 16.04 -5.91
CA GLU B 208 23.90 15.10 -4.81
C GLU B 208 22.56 14.37 -4.90
N ALA B 209 21.49 15.12 -5.07
CA ALA B 209 20.17 14.55 -5.18
C ALA B 209 20.10 13.52 -6.30
N LEU B 210 20.81 13.80 -7.39
CA LEU B 210 20.85 12.88 -8.52
C LEU B 210 21.67 11.63 -8.23
N ASP B 211 22.82 11.83 -7.59
CA ASP B 211 23.80 10.77 -7.46
C ASP B 211 23.83 10.08 -6.11
N LEU B 212 23.64 10.85 -5.04
CA LEU B 212 23.62 10.28 -3.70
C LEU B 212 22.22 9.77 -3.33
N LEU B 213 21.21 10.56 -3.67
CA LEU B 213 19.83 10.21 -3.34
C LEU B 213 19.16 9.42 -4.46
N LYS B 214 19.75 9.50 -5.65
CA LYS B 214 19.32 8.69 -6.79
C LYS B 214 17.83 8.85 -7.10
N VAL B 215 17.41 10.11 -7.21
CA VAL B 215 15.99 10.46 -7.35
C VAL B 215 15.45 10.25 -8.75
N GLU B 216 14.16 9.92 -8.84
CA GLU B 216 13.48 9.78 -10.12
C GLU B 216 13.27 11.14 -10.77
N ARG B 217 13.17 12.18 -9.94
CA ARG B 217 13.05 13.55 -10.44
C ARG B 217 13.52 14.59 -9.42
N ILE B 218 13.74 15.81 -9.92
CA ILE B 218 14.19 16.91 -9.07
C ILE B 218 13.04 17.87 -8.81
N ASP B 219 12.96 18.38 -7.58
CA ASP B 219 11.90 19.31 -7.21
C ASP B 219 12.43 20.75 -7.18
N HIS B 220 11.75 21.64 -7.89
CA HIS B 220 12.25 22.99 -8.17
C HIS B 220 13.40 22.91 -9.19
N GLY B 221 14.63 22.87 -8.70
CA GLY B 221 15.78 22.66 -9.54
C GLY B 221 16.09 23.78 -10.52
N VAL B 222 15.51 24.95 -10.28
CA VAL B 222 15.70 26.10 -11.17
C VAL B 222 17.17 26.52 -11.27
N ARG B 223 17.93 26.28 -10.21
CA ARG B 223 19.33 26.72 -10.16
C ARG B 223 20.27 25.75 -10.86
N ALA B 224 19.72 24.83 -11.65
CA ALA B 224 20.54 23.96 -12.48
C ALA B 224 20.97 24.73 -13.72
N PHE B 225 20.33 25.87 -13.94
CA PHE B 225 20.54 26.66 -15.14
C PHE B 225 21.94 27.22 -15.20
N GLU B 226 22.57 27.32 -14.03
CA GLU B 226 23.94 27.84 -13.91
C GLU B 226 24.95 26.84 -14.45
N ASP B 227 24.65 25.55 -14.26
CA ASP B 227 25.62 24.49 -14.51
C ASP B 227 25.38 23.80 -15.85
N GLU B 228 26.28 24.04 -16.80
CA GLU B 228 26.14 23.51 -18.15
C GLU B 228 26.26 21.99 -18.23
N ARG B 229 27.24 21.42 -17.54
CA ARG B 229 27.40 19.97 -17.53
C ARG B 229 26.14 19.32 -16.98
N LEU B 230 25.68 19.83 -15.83
CA LEU B 230 24.44 19.36 -15.22
C LEU B 230 23.29 19.48 -16.20
N ARG B 232 23.16 19.53 -19.30
CA ARG B 232 23.23 18.50 -20.34
C ARG B 232 22.64 17.18 -19.86
N ARG B 233 23.06 16.76 -18.66
CA ARG B 233 22.60 15.49 -18.12
C ARG B 233 21.08 15.48 -17.95
N LEU B 234 20.54 16.55 -17.38
CA LEU B 234 19.11 16.69 -17.19
C LEU B 234 18.38 16.45 -18.51
N ILE B 235 18.96 16.96 -19.60
CA ILE B 235 18.36 16.84 -20.92
C ILE B 235 18.61 15.45 -21.51
N ASP B 236 19.86 15.00 -21.49
CA ASP B 236 20.21 13.69 -22.03
C ASP B 236 19.37 12.59 -21.40
N GLU B 237 19.11 12.71 -20.10
CA GLU B 237 18.40 11.66 -19.36
C GLU B 237 16.90 11.94 -19.25
N GLN B 238 16.49 13.13 -19.68
CA GLN B 238 15.10 13.54 -19.57
C GLN B 238 14.60 13.40 -18.14
N ILE B 239 15.37 13.94 -17.20
CA ILE B 239 15.00 13.90 -15.79
C ILE B 239 14.03 15.02 -15.47
N PRO B 240 12.81 14.66 -15.02
CA PRO B 240 11.75 15.64 -14.79
C PRO B 240 12.10 16.65 -13.69
N LEU B 241 11.85 17.92 -13.96
CA LEU B 241 11.94 18.94 -12.93
C LEU B 241 10.54 19.44 -12.63
N THR B 242 10.14 19.36 -11.37
CA THR B 242 8.84 19.86 -10.95
C THR B 242 8.96 21.32 -10.54
N VAL B 243 8.75 22.21 -11.51
CA VAL B 243 8.94 23.64 -11.30
C VAL B 243 7.68 24.32 -10.77
N CYS B 244 7.87 25.36 -9.96
CA CYS B 244 6.77 26.06 -9.32
C CYS B 244 6.94 27.57 -9.43
N PRO B 245 6.36 28.17 -10.47
CA PRO B 245 6.48 29.59 -10.81
C PRO B 245 6.09 30.57 -9.70
N LEU B 246 4.87 30.47 -9.20
CA LEU B 246 4.40 31.42 -8.17
C LEU B 246 5.21 31.29 -6.88
N SER B 247 5.64 30.06 -6.58
CA SER B 247 6.50 29.83 -5.43
C SER B 247 7.81 30.57 -5.60
N ASN B 248 8.53 30.25 -6.67
CA ASN B 248 9.80 30.90 -6.96
C ASN B 248 9.71 32.42 -6.88
N THR B 249 8.55 32.95 -7.24
CA THR B 249 8.30 34.38 -7.19
C THR B 249 8.03 34.85 -5.76
N LYS B 250 7.12 34.18 -5.07
CA LYS B 250 6.74 34.57 -3.72
C LYS B 250 7.88 34.42 -2.72
N LEU B 251 8.82 33.53 -3.02
CA LEU B 251 9.95 33.29 -2.13
C LEU B 251 11.20 34.05 -2.58
N CYS B 252 11.01 34.90 -3.58
CA CYS B 252 12.07 35.79 -4.05
C CYS B 252 13.26 35.03 -4.64
N VAL B 253 13.01 33.82 -5.11
CA VAL B 253 14.01 33.07 -5.86
C VAL B 253 14.28 33.81 -7.17
N PHE B 254 13.22 34.39 -7.72
CA PHE B 254 13.33 35.30 -8.86
C PHE B 254 12.73 36.64 -8.45
N ASP B 255 13.33 37.72 -8.92
CA ASP B 255 12.86 39.06 -8.55
C ASP B 255 11.50 39.37 -9.16
N ASP B 256 11.20 38.71 -10.26
CA ASP B 256 9.98 38.98 -11.01
C ASP B 256 9.68 37.82 -11.95
N SER B 258 8.98 37.76 -14.94
CA SER B 258 9.66 37.96 -16.22
C SER B 258 11.05 37.34 -16.19
N GLN B 259 11.53 37.05 -14.99
CA GLN B 259 12.88 36.54 -14.80
C GLN B 259 12.92 35.01 -14.73
N HIS B 260 11.75 34.39 -14.68
CA HIS B 260 11.70 32.94 -14.56
C HIS B 260 12.23 32.25 -15.81
N THR B 261 13.02 31.19 -15.60
CA THR B 261 13.71 30.52 -16.68
C THR B 261 13.07 29.19 -17.07
N ILE B 262 11.80 28.99 -16.71
CA ILE B 262 11.12 27.73 -17.00
C ILE B 262 10.93 27.50 -18.50
N LEU B 263 10.56 28.55 -19.22
CA LEU B 263 10.42 28.45 -20.67
C LEU B 263 11.78 28.32 -21.34
N ASP B 264 12.77 29.05 -20.82
CA ASP B 264 14.14 28.91 -21.29
C ASP B 264 14.55 27.45 -21.21
N LEU B 266 12.50 24.74 -20.89
CA LEU B 266 11.65 23.99 -21.80
C LEU B 266 12.25 24.00 -23.21
N GLU B 267 12.57 25.19 -23.69
CA GLU B 267 13.08 25.35 -25.04
C GLU B 267 14.42 24.66 -25.27
N ARG B 268 15.10 24.33 -24.18
CA ARG B 268 16.39 23.63 -24.27
C ARG B 268 16.22 22.12 -24.10
N GLY B 269 14.98 21.69 -23.91
CA GLY B 269 14.68 20.26 -23.83
C GLY B 269 14.69 19.66 -22.44
N VAL B 270 14.71 20.51 -21.41
CA VAL B 270 14.56 20.01 -20.05
C VAL B 270 13.11 19.63 -19.80
N LYS B 271 12.89 18.46 -19.20
CA LYS B 271 11.52 18.02 -18.96
C LYS B 271 10.92 18.73 -17.75
N VAL B 272 10.69 20.03 -17.89
CA VAL B 272 10.11 20.83 -16.82
C VAL B 272 8.59 20.65 -16.77
N THR B 273 8.03 20.84 -15.58
CA THR B 273 6.58 20.77 -15.39
C THR B 273 6.14 21.95 -14.52
N VAL B 274 4.84 22.21 -14.53
CA VAL B 274 4.27 23.32 -13.77
C VAL B 274 3.50 22.82 -12.55
N ASN B 275 3.75 23.44 -11.40
CA ASN B 275 3.09 23.04 -10.15
C ASN B 275 2.82 24.22 -9.23
N SER B 276 1.85 24.09 -8.33
CA SER B 276 1.51 25.16 -7.40
C SER B 276 2.32 25.13 -6.10
N ASP B 277 2.91 23.98 -5.79
CA ASP B 277 3.80 23.85 -4.62
C ASP B 277 3.07 24.00 -3.29
N ASP B 278 2.77 25.24 -2.91
CA ASP B 278 2.01 25.54 -1.69
C ASP B 278 0.95 26.60 -2.02
N PRO B 279 -0.12 26.19 -2.72
CA PRO B 279 -1.16 27.01 -3.32
C PRO B 279 -1.78 28.05 -2.39
N ALA B 280 -2.17 27.62 -1.19
CA ALA B 280 -2.84 28.51 -0.25
C ALA B 280 -1.93 29.64 0.18
N TYR B 281 -0.62 29.44 0.04
CA TYR B 281 0.35 30.40 0.54
C TYR B 281 0.90 31.31 -0.54
N PHE B 282 0.81 30.88 -1.80
CA PHE B 282 1.34 31.67 -2.90
C PHE B 282 0.22 32.23 -3.78
N GLY B 283 -1.02 32.02 -3.35
CA GLY B 283 -2.16 32.64 -4.00
C GLY B 283 -2.46 32.16 -5.41
N GLY B 284 -2.28 30.87 -5.64
CA GLY B 284 -2.58 30.29 -6.94
C GLY B 284 -2.42 28.79 -6.95
N TYR B 285 -3.32 28.12 -7.66
CA TYR B 285 -3.20 26.68 -7.88
C TYR B 285 -2.62 26.43 -9.27
N VAL B 286 -2.55 25.17 -9.68
CA VAL B 286 -1.80 24.81 -10.89
C VAL B 286 -2.15 25.65 -12.12
N THR B 287 -3.45 25.85 -12.36
CA THR B 287 -3.88 26.65 -13.51
C THR B 287 -3.36 28.07 -13.43
N GLU B 288 -3.34 28.62 -12.23
CA GLU B 288 -2.84 29.98 -12.02
C GLU B 288 -1.36 30.08 -12.37
N ASN B 289 -0.59 29.06 -12.01
CA ASN B 289 0.83 29.02 -12.37
C ASN B 289 1.01 29.06 -13.89
N PHE B 290 0.24 28.27 -14.61
CA PHE B 290 0.25 28.31 -16.06
C PHE B 290 -0.04 29.72 -16.56
N HIS B 291 -1.05 30.34 -15.97
CA HIS B 291 -1.53 31.63 -16.41
C HIS B 291 -0.53 32.75 -16.14
N ALA B 292 0.24 32.61 -15.06
CA ALA B 292 1.29 33.57 -14.77
C ALA B 292 2.37 33.50 -15.85
N LEU B 293 2.62 32.28 -16.34
CA LEU B 293 3.61 32.08 -17.40
C LEU B 293 3.14 32.74 -18.70
N GLN B 294 1.87 32.59 -19.01
CA GLN B 294 1.30 33.20 -20.21
C GLN B 294 1.39 34.72 -20.14
N GLN B 295 1.05 35.27 -18.97
CA GLN B 295 0.95 36.72 -18.81
C GLN B 295 2.31 37.43 -18.70
N SER B 296 3.29 36.76 -18.10
CA SER B 296 4.57 37.41 -17.82
C SER B 296 5.73 36.96 -18.70
N LEU B 297 5.65 35.73 -19.20
CA LEU B 297 6.70 35.20 -20.07
C LEU B 297 6.21 35.01 -21.51
N GLY B 298 4.96 35.37 -21.76
CA GLY B 298 4.37 35.22 -23.08
C GLY B 298 4.38 33.80 -23.58
N THR B 300 3.40 30.43 -25.18
CA THR B 300 2.51 30.07 -26.29
C THR B 300 1.57 28.94 -25.92
N GLU B 301 0.49 28.78 -26.69
CA GLU B 301 -0.43 27.68 -26.50
C GLU B 301 0.32 26.36 -26.69
N GLU B 302 1.32 26.40 -27.55
CA GLU B 302 2.10 25.21 -27.89
C GLU B 302 3.03 24.80 -26.75
N GLN B 303 3.56 25.79 -26.03
CA GLN B 303 4.39 25.52 -24.87
C GLN B 303 3.55 24.96 -23.71
N ALA B 304 2.32 25.44 -23.60
CA ALA B 304 1.41 24.98 -22.56
C ALA B 304 1.13 23.48 -22.70
N ARG B 305 0.81 23.06 -23.92
CA ARG B 305 0.50 21.67 -24.21
C ARG B 305 1.69 20.76 -23.88
N ARG B 306 2.88 21.29 -24.11
CA ARG B 306 4.10 20.54 -23.86
C ARG B 306 4.32 20.40 -22.36
N LEU B 307 4.16 21.50 -21.63
CA LEU B 307 4.29 21.48 -20.18
C LEU B 307 3.28 20.50 -19.57
N ALA B 308 2.02 20.68 -19.94
CA ALA B 308 0.97 19.77 -19.50
C ALA B 308 1.32 18.32 -19.84
N GLN B 309 1.82 18.12 -21.05
CA GLN B 309 2.13 16.76 -21.51
C GLN B 309 3.30 16.17 -20.73
N ASN B 310 4.27 17.01 -20.39
CA ASN B 310 5.39 16.58 -19.58
C ASN B 310 4.92 16.01 -18.25
N SER B 311 4.00 16.73 -17.60
CA SER B 311 3.49 16.32 -16.29
C SER B 311 2.85 14.94 -16.37
N LEU B 312 2.12 14.68 -17.46
CA LEU B 312 1.55 13.36 -17.69
C LEU B 312 2.63 12.31 -17.91
N ASP B 313 3.65 12.66 -18.69
CA ASP B 313 4.74 11.74 -18.99
C ASP B 313 5.58 11.46 -17.75
N ALA B 314 5.59 12.39 -16.80
CA ALA B 314 6.50 12.33 -15.65
C ALA B 314 5.91 11.64 -14.43
N ARG B 315 4.70 11.11 -14.56
CA ARG B 315 4.07 10.38 -13.45
C ARG B 315 4.86 9.14 -13.05
N LEU B 316 4.95 8.89 -11.75
CA LEU B 316 5.62 7.70 -11.24
C LEU B 316 4.64 6.54 -11.12
N VAL B 317 3.35 6.82 -11.33
CA VAL B 317 2.31 5.81 -11.23
C VAL B 317 1.19 6.07 -12.24
#